data_4OFR
#
_entry.id   4OFR
#
_cell.length_a   55.751
_cell.length_b   66.230
_cell.length_c   71.101
_cell.angle_alpha   90.00
_cell.angle_beta   90.00
_cell.angle_gamma   90.00
#
_symmetry.space_group_name_H-M   'P 21 21 21'
#
loop_
_entity.id
_entity.type
_entity.pdbx_description
1 polymer 'Androgen receptor'
2 polymer 'co-regulator peptide'
3 non-polymer 5-ALPHA-DIHYDROTESTOSTERONE
4 water water
#
loop_
_entity_poly.entity_id
_entity_poly.type
_entity_poly.pdbx_seq_one_letter_code
_entity_poly.pdbx_strand_id
1 'polypeptide(L)'
;QPIFLNVLEAIEPGVVCAGHDNNQPDSFAALLSSLNELGERQLVHVVKWAKALPGFRNLHVDDQMAVIQYSWMGLMVFAM
GWRSFTNVNSAMLYFAPDLVFNEYRMHKSRMYSQCVRMRHLSQEFGWLQITPQEFLCMKALLLFSIIPVDGLKNQKFFDE
LRMNYIKELDRIIACKRKNPTSCSRRFYQLTKLLDSVQPIARELHQFTFDLLIKSHMVSVDFPEMMAEIISVQVPKILSG
KVKPIYFHTQ
;
A
2 'polypeptide(L)' ANSSFRDWYTSS B
#
loop_
_chem_comp.id
_chem_comp.type
_chem_comp.name
_chem_comp.formula
DHT non-polymer 5-ALPHA-DIHYDROTESTOSTERONE 'C19 H30 O2'
#
# COMPACT_ATOMS: atom_id res chain seq x y z
N PRO A 2 -3.68 -24.23 -9.32
CA PRO A 2 -2.71 -23.19 -8.92
C PRO A 2 -2.92 -22.72 -7.46
N ILE A 3 -2.62 -23.59 -6.50
CA ILE A 3 -3.06 -23.42 -5.10
C ILE A 3 -2.84 -22.00 -4.56
N PHE A 4 -1.72 -21.40 -4.92
CA PHE A 4 -1.36 -20.05 -4.49
C PHE A 4 -2.37 -18.95 -4.94
N LEU A 5 -2.77 -18.97 -6.21
CA LEU A 5 -3.83 -18.06 -6.67
C LEU A 5 -5.16 -18.21 -5.91
N ASN A 6 -5.62 -19.45 -5.81
CA ASN A 6 -6.77 -19.82 -5.01
C ASN A 6 -6.79 -19.00 -3.75
N VAL A 7 -5.70 -19.07 -2.99
CA VAL A 7 -5.58 -18.34 -1.74
C VAL A 7 -5.73 -16.86 -1.97
N LEU A 8 -4.93 -16.32 -2.87
CA LEU A 8 -4.89 -14.87 -3.09
C LEU A 8 -6.21 -14.29 -3.48
N GLU A 9 -6.96 -15.07 -4.27
CA GLU A 9 -8.28 -14.67 -4.79
C GLU A 9 -9.25 -14.80 -3.67
N ALA A 10 -9.13 -15.89 -2.93
CA ALA A 10 -9.99 -16.15 -1.76
C ALA A 10 -9.89 -15.11 -0.66
N ILE A 11 -8.67 -14.72 -0.28
CA ILE A 11 -8.45 -13.83 0.90
C ILE A 11 -8.52 -12.33 0.55
N GLU A 12 -8.59 -12.00 -0.73
CA GLU A 12 -8.56 -10.60 -1.14
C GLU A 12 -9.67 -9.81 -0.49
N PRO A 13 -9.33 -8.72 0.21
CA PRO A 13 -10.31 -7.96 0.94
C PRO A 13 -11.31 -7.29 0.03
N GLY A 14 -12.55 -7.14 0.47
CA GLY A 14 -13.56 -6.47 -0.37
C GLY A 14 -13.51 -4.93 -0.31
N VAL A 15 -14.61 -4.31 -0.71
CA VAL A 15 -14.88 -2.87 -0.58
C VAL A 15 -14.84 -2.38 0.86
N VAL A 16 -14.26 -1.20 1.04
CA VAL A 16 -14.13 -0.55 2.35
C VAL A 16 -14.55 0.95 2.17
N CYS A 17 -15.63 1.35 2.82
CA CYS A 17 -16.09 2.73 2.67
C CYS A 17 -15.27 3.60 3.66
N ALA A 18 -15.09 4.88 3.34
CA ALA A 18 -14.23 5.76 4.10
C ALA A 18 -14.98 6.45 5.26
N GLY A 19 -16.32 6.48 5.20
CA GLY A 19 -17.16 7.21 6.15
C GLY A 19 -17.26 8.71 5.88
N HIS A 20 -16.94 9.10 4.64
CA HIS A 20 -16.89 10.50 4.29
C HIS A 20 -18.29 11.11 4.09
N ASP A 21 -18.53 12.27 4.72
CA ASP A 21 -19.77 13.06 4.54
C ASP A 21 -19.65 13.89 3.23
N ASN A 22 -20.26 13.41 2.14
CA ASN A 22 -20.15 14.11 0.85
C ASN A 22 -21.04 15.40 0.76
N ASN A 23 -21.85 15.65 1.79
CA ASN A 23 -22.71 16.84 1.87
C ASN A 23 -21.94 18.05 2.34
N GLN A 24 -20.93 17.82 3.16
CA GLN A 24 -20.03 18.87 3.57
C GLN A 24 -19.11 19.28 2.40
N PRO A 25 -18.54 20.50 2.46
CA PRO A 25 -17.73 20.95 1.36
C PRO A 25 -16.35 20.33 1.43
N ASP A 26 -15.58 20.54 0.38
CA ASP A 26 -14.30 19.88 0.26
C ASP A 26 -13.20 20.71 0.90
N SER A 27 -13.19 20.71 2.23
CA SER A 27 -12.13 21.34 2.98
C SER A 27 -10.93 20.40 3.03
N PHE A 28 -9.76 20.99 3.19
CA PHE A 28 -8.54 20.24 3.44
C PHE A 28 -8.66 19.35 4.68
N ALA A 29 -9.20 19.90 5.77
CA ALA A 29 -9.32 19.15 7.02
C ALA A 29 -10.21 17.91 6.86
N ALA A 30 -11.31 18.04 6.10
CA ALA A 30 -12.28 16.94 6.01
C ALA A 30 -11.80 15.85 5.06
N LEU A 31 -11.23 16.23 3.93
CA LEU A 31 -10.73 15.24 2.99
C LEU A 31 -9.67 14.41 3.72
N LEU A 32 -8.76 15.09 4.41
CA LEU A 32 -7.64 14.43 5.06
C LEU A 32 -8.03 13.62 6.29
N SER A 33 -8.96 14.11 7.11
CA SER A 33 -9.47 13.31 8.25
C SER A 33 -10.19 12.07 7.75
N SER A 34 -10.91 12.21 6.64
CA SER A 34 -11.60 11.07 6.03
C SER A 34 -10.65 10.04 5.42
N LEU A 35 -9.53 10.50 4.85
CA LEU A 35 -8.47 9.60 4.32
C LEU A 35 -7.74 8.90 5.45
N ASN A 36 -7.49 9.63 6.55
CA ASN A 36 -6.95 9.02 7.76
C ASN A 36 -7.86 7.93 8.32
N GLU A 37 -9.15 8.18 8.32
CA GLU A 37 -10.09 7.17 8.78
C GLU A 37 -9.98 5.94 7.89
N LEU A 38 -10.11 6.15 6.57
CA LEU A 38 -9.98 5.08 5.57
C LEU A 38 -8.73 4.22 5.78
N GLY A 39 -7.61 4.90 5.92
CA GLY A 39 -6.35 4.26 6.21
C GLY A 39 -6.45 3.32 7.36
N GLU A 40 -7.10 3.76 8.45
CA GLU A 40 -7.24 2.96 9.69
C GLU A 40 -8.17 1.78 9.43
N ARG A 41 -9.28 2.06 8.77
CA ARG A 41 -10.14 0.97 8.30
C ARG A 41 -9.42 -0.02 7.37
N GLN A 42 -8.69 0.47 6.35
CA GLN A 42 -8.09 -0.45 5.34
C GLN A 42 -6.97 -1.25 6.04
N LEU A 43 -6.39 -0.70 7.10
CA LEU A 43 -5.30 -1.42 7.83
C LEU A 43 -5.83 -2.67 8.53
N VAL A 44 -7.06 -2.58 9.04
CA VAL A 44 -7.71 -3.75 9.63
C VAL A 44 -7.73 -4.89 8.63
N HIS A 45 -8.27 -4.59 7.45
CA HIS A 45 -8.28 -5.56 6.37
C HIS A 45 -6.90 -6.01 5.91
N VAL A 46 -5.92 -5.11 5.86
CA VAL A 46 -4.55 -5.49 5.48
C VAL A 46 -3.96 -6.50 6.44
N VAL A 47 -4.24 -6.29 7.72
CA VAL A 47 -3.78 -7.20 8.76
C VAL A 47 -4.44 -8.59 8.63
N LYS A 48 -5.74 -8.60 8.46
CA LYS A 48 -6.40 -9.89 8.38
C LYS A 48 -5.92 -10.66 7.16
N TRP A 49 -5.84 -9.95 6.03
CA TRP A 49 -5.31 -10.50 4.78
C TRP A 49 -3.90 -11.08 4.98
N ALA A 50 -3.00 -10.24 5.46
CA ALA A 50 -1.60 -10.64 5.63
C ALA A 50 -1.44 -11.94 6.42
N LYS A 51 -2.06 -11.99 7.62
CA LYS A 51 -2.09 -13.19 8.48
C LYS A 51 -2.49 -14.48 7.69
N ALA A 52 -3.40 -14.32 6.72
CA ALA A 52 -3.90 -15.47 5.93
C ALA A 52 -3.09 -15.77 4.63
N LEU A 53 -1.97 -15.06 4.48
CA LEU A 53 -1.13 -15.25 3.32
C LEU A 53 -0.36 -16.52 3.53
N PRO A 54 0.02 -17.16 2.41
CA PRO A 54 0.76 -18.39 2.52
C PRO A 54 2.18 -18.19 3.03
N GLY A 55 2.50 -18.93 4.09
CA GLY A 55 3.83 -18.86 4.70
C GLY A 55 4.00 -17.69 5.66
N PHE A 56 3.07 -16.75 5.67
CA PHE A 56 3.31 -15.52 6.41
C PHE A 56 3.54 -15.76 7.89
N ARG A 57 2.76 -16.68 8.48
CA ARG A 57 2.84 -16.91 9.94
C ARG A 57 4.08 -17.73 10.35
N ASN A 58 4.86 -18.19 9.36
CA ASN A 58 6.23 -18.70 9.59
C ASN A 58 7.22 -17.61 10.04
N LEU A 59 7.04 -16.38 9.58
CA LEU A 59 7.83 -15.25 10.05
C LEU A 59 7.67 -15.09 11.55
N HIS A 60 8.76 -14.76 12.22
CA HIS A 60 8.67 -14.31 13.60
C HIS A 60 7.61 -13.20 13.68
N VAL A 61 6.85 -13.23 14.76
CA VAL A 61 5.71 -12.33 14.95
C VAL A 61 6.05 -10.86 14.95
N ASP A 62 7.24 -10.49 15.41
CA ASP A 62 7.66 -9.07 15.40
C ASP A 62 7.95 -8.67 13.98
N ASP A 63 8.57 -9.57 13.23
CA ASP A 63 8.80 -9.36 11.81
C ASP A 63 7.45 -9.17 11.14
N GLN A 64 6.46 -10.00 11.53
CA GLN A 64 5.16 -9.90 10.90
C GLN A 64 4.61 -8.51 11.03
N MET A 65 4.62 -8.01 12.27
CA MET A 65 4.07 -6.68 12.57
C MET A 65 4.91 -5.60 11.89
N ALA A 66 6.22 -5.78 11.95
CA ALA A 66 7.16 -4.86 11.34
C ALA A 66 6.85 -4.64 9.86
N VAL A 67 6.74 -5.71 9.05
CA VAL A 67 6.61 -5.57 7.58
C VAL A 67 5.26 -4.96 7.19
N ILE A 68 4.24 -5.25 8.00
CA ILE A 68 2.91 -4.64 7.82
C ILE A 68 2.96 -3.14 8.05
N GLN A 69 3.60 -2.76 9.15
CA GLN A 69 3.75 -1.36 9.51
C GLN A 69 4.64 -0.56 8.53
N TYR A 70 5.63 -1.20 7.94
CA TYR A 70 6.46 -0.55 6.92
C TYR A 70 5.76 -0.47 5.58
N SER A 71 4.98 -1.49 5.19
CA SER A 71 4.51 -1.58 3.77
C SER A 71 3.07 -1.21 3.50
N TRP A 72 2.32 -0.79 4.52
CA TRP A 72 0.90 -0.53 4.35
C TRP A 72 0.64 0.55 3.28
N MET A 73 1.36 1.66 3.33
CA MET A 73 1.17 2.71 2.31
C MET A 73 1.19 2.19 0.88
N GLY A 74 2.25 1.47 0.53
CA GLY A 74 2.45 0.99 -0.81
C GLY A 74 1.39 -0.01 -1.18
N LEU A 75 1.13 -0.92 -0.26
CA LEU A 75 0.09 -1.87 -0.50
C LEU A 75 -1.18 -1.12 -0.75
N MET A 76 -1.54 -0.22 0.15
CA MET A 76 -2.80 0.50 0.00
C MET A 76 -2.90 1.38 -1.23
N VAL A 77 -1.79 2.01 -1.59
CA VAL A 77 -1.73 2.83 -2.80
C VAL A 77 -1.85 1.96 -4.05
N PHE A 78 -1.19 0.81 -4.07
CA PHE A 78 -1.25 -0.13 -5.22
C PHE A 78 -2.69 -0.61 -5.46
N ALA A 79 -3.35 -1.05 -4.38
CA ALA A 79 -4.75 -1.47 -4.47
C ALA A 79 -5.68 -0.35 -4.86
N MET A 80 -5.44 0.85 -4.35
CA MET A 80 -6.27 1.97 -4.78
C MET A 80 -6.08 2.29 -6.29
N GLY A 81 -4.88 2.04 -6.81
CA GLY A 81 -4.58 2.34 -8.23
C GLY A 81 -5.37 1.39 -9.10
N TRP A 82 -5.48 0.15 -8.62
CA TRP A 82 -6.23 -0.91 -9.29
C TRP A 82 -7.73 -0.63 -9.39
N ARG A 83 -8.32 -0.30 -8.25
CA ARG A 83 -9.72 0.12 -8.10
C ARG A 83 -10.09 1.32 -8.97
N SER A 84 -9.16 2.26 -9.12
CA SER A 84 -9.33 3.42 -9.97
C SER A 84 -9.30 3.00 -11.44
N PHE A 85 -8.39 2.08 -11.76
CA PHE A 85 -8.31 1.57 -13.09
C PHE A 85 -9.64 0.86 -13.46
N THR A 86 -10.13 0.00 -12.57
CA THR A 86 -11.29 -0.84 -12.88
C THR A 86 -12.66 -0.16 -12.77
N ASN A 87 -12.73 0.98 -12.08
CA ASN A 87 -14.02 1.60 -11.75
C ASN A 87 -14.23 2.98 -12.32
N VAL A 88 -13.15 3.65 -12.68
CA VAL A 88 -13.21 5.01 -13.18
C VAL A 88 -12.21 5.21 -14.35
N ASN A 89 -11.81 4.12 -15.03
CA ASN A 89 -10.69 4.11 -16.00
C ASN A 89 -9.64 5.23 -15.84
N SER A 90 -9.25 5.46 -14.58
CA SER A 90 -8.11 6.30 -14.19
C SER A 90 -8.19 7.85 -14.42
N ALA A 91 -9.38 8.41 -14.63
CA ALA A 91 -9.54 9.89 -14.65
C ALA A 91 -9.36 10.48 -13.23
N MET A 92 -9.91 9.75 -12.26
CA MET A 92 -10.04 10.16 -10.87
C MET A 92 -9.35 9.13 -9.96
N LEU A 93 -9.34 9.34 -8.65
CA LEU A 93 -8.76 8.35 -7.70
C LEU A 93 -9.81 7.69 -6.81
N TYR A 94 -10.03 6.38 -7.03
CA TYR A 94 -11.07 5.62 -6.32
C TYR A 94 -10.60 5.14 -4.89
N PHE A 95 -10.40 6.09 -4.00
CA PHE A 95 -10.01 5.75 -2.64
C PHE A 95 -11.00 4.84 -1.95
N ALA A 96 -12.28 5.14 -2.11
CA ALA A 96 -13.39 4.39 -1.44
C ALA A 96 -14.60 4.77 -2.24
N PRO A 97 -15.70 3.99 -2.17
CA PRO A 97 -16.81 4.38 -3.06
C PRO A 97 -17.42 5.72 -2.69
N ASP A 98 -17.21 6.11 -1.43
CA ASP A 98 -17.68 7.40 -0.90
C ASP A 98 -16.52 8.42 -0.75
N LEU A 99 -15.41 8.20 -1.47
CA LEU A 99 -14.25 9.10 -1.44
C LEU A 99 -13.44 8.95 -2.75
N VAL A 100 -14.04 9.48 -3.80
CA VAL A 100 -13.47 9.46 -5.11
C VAL A 100 -12.92 10.86 -5.31
N PHE A 101 -11.63 10.96 -5.59
CA PHE A 101 -11.00 12.25 -5.86
C PHE A 101 -11.11 12.59 -7.33
N ASN A 102 -11.79 13.70 -7.59
CA ASN A 102 -11.64 14.41 -8.85
C ASN A 102 -10.48 15.41 -8.65
N GLU A 103 -10.14 16.16 -9.69
CA GLU A 103 -9.06 17.16 -9.64
C GLU A 103 -9.25 18.24 -8.58
N TYR A 104 -10.49 18.62 -8.35
CA TYR A 104 -10.73 19.63 -7.34
C TYR A 104 -10.31 19.12 -5.97
N ARG A 105 -10.72 17.90 -5.65
CA ARG A 105 -10.31 17.30 -4.40
C ARG A 105 -8.79 17.09 -4.35
N MET A 106 -8.19 16.67 -5.45
CA MET A 106 -6.73 16.55 -5.52
C MET A 106 -6.05 17.85 -5.15
N HIS A 107 -6.56 18.96 -5.65
CA HIS A 107 -6.01 20.27 -5.30
C HIS A 107 -6.29 20.62 -3.84
N LYS A 108 -7.51 20.38 -3.37
CA LYS A 108 -7.93 20.78 -2.01
C LYS A 108 -7.27 19.97 -0.90
N SER A 109 -6.88 18.74 -1.23
CA SER A 109 -6.09 17.89 -0.33
C SER A 109 -4.67 18.40 -0.09
N ARG A 110 -4.25 19.39 -0.88
CA ARG A 110 -2.85 19.83 -0.98
C ARG A 110 -1.88 18.69 -1.29
N MET A 111 -2.37 17.63 -1.94
CA MET A 111 -1.45 16.58 -2.39
C MET A 111 -1.63 16.32 -3.88
N TYR A 112 -1.70 17.41 -4.65
CA TYR A 112 -1.99 17.32 -6.09
C TYR A 112 -0.88 16.56 -6.80
N SER A 113 0.33 17.03 -6.54
CA SER A 113 1.58 16.38 -6.88
C SER A 113 1.52 14.86 -6.70
N GLN A 114 1.17 14.41 -5.50
CA GLN A 114 1.20 12.98 -5.20
C GLN A 114 0.11 12.25 -5.94
N CYS A 115 -1.07 12.87 -5.97
CA CYS A 115 -2.24 12.34 -6.64
C CYS A 115 -1.98 12.20 -8.14
N VAL A 116 -1.17 13.10 -8.70
CA VAL A 116 -0.73 12.96 -10.10
C VAL A 116 0.03 11.66 -10.30
N ARG A 117 1.00 11.41 -9.42
CA ARG A 117 1.80 10.17 -9.42
C ARG A 117 0.97 8.91 -9.24
N MET A 118 -0.06 8.97 -8.41
CA MET A 118 -0.94 7.84 -8.22
C MET A 118 -1.86 7.56 -9.42
N ARG A 119 -2.27 8.61 -10.10
CA ARG A 119 -3.08 8.47 -11.27
C ARG A 119 -2.25 7.80 -12.38
N HIS A 120 -0.98 8.20 -12.57
CA HIS A 120 -0.05 7.47 -13.49
C HIS A 120 -0.05 5.98 -13.17
N LEU A 121 0.15 5.66 -11.89
CA LEU A 121 0.22 4.27 -11.44
C LEU A 121 -1.00 3.54 -11.92
N SER A 122 -2.13 4.18 -11.72
CA SER A 122 -3.39 3.63 -12.15
C SER A 122 -3.44 3.41 -13.67
N GLN A 123 -2.94 4.39 -14.42
CA GLN A 123 -2.99 4.32 -15.87
C GLN A 123 -2.15 3.12 -16.34
N GLU A 124 -0.95 3.01 -15.79
CA GLU A 124 -0.10 1.88 -16.05
C GLU A 124 -0.84 0.57 -15.96
N PHE A 125 -1.78 0.40 -15.02
CA PHE A 125 -2.56 -0.86 -15.02
C PHE A 125 -3.23 -1.11 -16.37
N GLY A 126 -3.63 -0.03 -17.06
CA GLY A 126 -4.27 -0.13 -18.37
C GLY A 126 -3.23 -0.22 -19.45
N TRP A 127 -2.34 0.77 -19.48
CA TRP A 127 -1.18 0.79 -20.33
C TRP A 127 -0.51 -0.59 -20.50
N LEU A 128 -0.34 -1.32 -19.40
CA LEU A 128 0.35 -2.61 -19.44
C LEU A 128 -0.56 -3.81 -19.56
N GLN A 129 -1.88 -3.61 -19.60
CA GLN A 129 -2.85 -4.73 -19.68
C GLN A 129 -2.63 -5.75 -18.56
N ILE A 130 -2.58 -5.24 -17.34
CA ILE A 130 -2.33 -6.10 -16.16
C ILE A 130 -3.54 -6.96 -15.84
N THR A 131 -3.35 -8.26 -15.76
CA THR A 131 -4.41 -9.15 -15.33
C THR A 131 -4.70 -9.04 -13.81
N PRO A 132 -5.89 -9.48 -13.40
CA PRO A 132 -6.20 -9.58 -11.97
C PRO A 132 -5.22 -10.49 -11.22
N GLN A 133 -4.78 -11.57 -11.84
CA GLN A 133 -3.90 -12.52 -11.20
C GLN A 133 -2.51 -11.89 -10.98
N GLU A 134 -2.08 -11.08 -11.96
CA GLU A 134 -0.82 -10.36 -11.86
C GLU A 134 -0.88 -9.32 -10.74
N PHE A 135 -1.97 -8.56 -10.69
CA PHE A 135 -2.22 -7.58 -9.62
C PHE A 135 -2.03 -8.20 -8.22
N LEU A 136 -2.70 -9.32 -8.03
CA LEU A 136 -2.72 -10.07 -6.76
C LEU A 136 -1.35 -10.53 -6.37
N CYS A 137 -0.59 -11.07 -7.34
CA CYS A 137 0.73 -11.60 -7.03
C CYS A 137 1.69 -10.48 -6.78
N MET A 138 1.58 -9.44 -7.58
CA MET A 138 2.34 -8.24 -7.34
C MET A 138 1.95 -7.60 -5.98
N LYS A 139 0.67 -7.55 -5.64
CA LYS A 139 0.27 -6.84 -4.40
C LYS A 139 0.87 -7.56 -3.22
N ALA A 140 0.80 -8.89 -3.21
CA ALA A 140 1.41 -9.70 -2.13
C ALA A 140 2.91 -9.48 -1.99
N LEU A 141 3.63 -9.47 -3.11
CA LEU A 141 5.07 -9.16 -3.12
C LEU A 141 5.36 -7.83 -2.39
N LEU A 142 4.49 -6.86 -2.58
CA LEU A 142 4.65 -5.56 -1.98
C LEU A 142 4.74 -5.58 -0.44
N LEU A 143 4.07 -6.54 0.20
CA LEU A 143 4.22 -6.78 1.63
C LEU A 143 5.64 -7.11 2.04
N PHE A 144 6.35 -7.81 1.16
CA PHE A 144 7.73 -8.20 1.38
C PHE A 144 8.73 -7.30 0.62
N SER A 145 8.46 -5.98 0.53
CA SER A 145 9.36 -5.11 -0.25
C SER A 145 9.95 -3.93 0.51
N ILE A 146 9.85 -3.95 1.85
CA ILE A 146 10.50 -2.97 2.68
C ILE A 146 10.98 -3.52 4.06
N ILE A 147 12.26 -3.39 4.35
CA ILE A 147 12.86 -3.97 5.53
C ILE A 147 13.88 -3.07 6.23
N PRO A 148 14.14 -3.32 7.53
CA PRO A 148 15.22 -2.63 8.25
C PRO A 148 16.50 -2.92 7.55
N VAL A 149 17.40 -1.94 7.53
CA VAL A 149 18.64 -2.09 6.78
C VAL A 149 19.59 -3.13 7.40
N ASP A 150 19.51 -3.34 8.72
CA ASP A 150 20.32 -4.34 9.42
C ASP A 150 19.58 -5.65 9.49
N GLY A 151 18.34 -5.67 9.05
CA GLY A 151 17.56 -6.90 9.02
C GLY A 151 16.51 -7.05 10.12
N LEU A 152 15.73 -8.12 9.95
CA LEU A 152 14.62 -8.48 10.81
C LEU A 152 15.12 -9.57 11.73
N LYS A 153 14.39 -9.84 12.80
CA LYS A 153 14.81 -10.90 13.75
C LYS A 153 15.13 -12.21 13.04
N ASN A 154 14.20 -12.68 12.22
CA ASN A 154 14.43 -13.87 11.40
C ASN A 154 14.41 -13.49 9.91
N GLN A 155 15.54 -13.01 9.46
CA GLN A 155 15.67 -12.47 8.12
C GLN A 155 15.75 -13.60 7.08
N LYS A 156 16.25 -14.76 7.50
CA LYS A 156 16.45 -15.88 6.57
C LYS A 156 15.10 -16.46 6.09
N PHE A 157 14.16 -16.67 7.02
CA PHE A 157 12.78 -17.01 6.69
C PHE A 157 12.11 -15.93 5.79
N PHE A 158 12.38 -14.65 6.04
CA PHE A 158 11.83 -13.59 5.19
C PHE A 158 12.33 -13.66 3.72
N ASP A 159 13.63 -13.89 3.56
CA ASP A 159 14.22 -13.86 2.21
C ASP A 159 13.65 -15.03 1.38
N GLU A 160 13.42 -16.14 2.06
CA GLU A 160 12.88 -17.37 1.47
C GLU A 160 11.44 -17.17 1.03
N LEU A 161 10.63 -16.67 1.94
CA LEU A 161 9.25 -16.28 1.61
C LEU A 161 9.20 -15.36 0.39
N ARG A 162 10.03 -14.32 0.41
CA ARG A 162 10.08 -13.32 -0.63
C ARG A 162 10.44 -13.97 -1.98
N MET A 163 11.47 -14.79 -1.93
CA MET A 163 11.88 -15.55 -3.05
C MET A 163 10.68 -16.26 -3.65
N ASN A 164 9.88 -16.81 -2.76
CA ASN A 164 8.78 -17.63 -3.16
C ASN A 164 7.69 -16.81 -3.71
N TYR A 165 7.36 -15.68 -3.11
CA TYR A 165 6.47 -14.83 -3.85
C TYR A 165 6.94 -14.35 -5.22
N ILE A 166 8.23 -14.18 -5.43
CA ILE A 166 8.75 -13.81 -6.73
C ILE A 166 8.47 -14.94 -7.73
N LYS A 167 8.79 -16.17 -7.37
CA LYS A 167 8.56 -17.32 -8.23
C LYS A 167 7.11 -17.47 -8.59
N GLU A 168 6.21 -17.10 -7.68
CA GLU A 168 4.79 -17.16 -8.00
C GLU A 168 4.45 -16.15 -9.04
N LEU A 169 4.95 -14.93 -8.93
CA LEU A 169 4.71 -13.94 -9.97
C LEU A 169 5.32 -14.43 -11.30
N ASP A 170 6.48 -15.03 -11.21
CA ASP A 170 7.13 -15.70 -12.30
C ASP A 170 6.17 -16.73 -12.89
N ARG A 171 5.61 -17.58 -12.03
CA ARG A 171 4.69 -18.65 -12.43
C ARG A 171 3.43 -18.10 -13.14
N ILE A 172 2.81 -17.06 -12.58
CA ILE A 172 1.58 -16.50 -13.14
C ILE A 172 1.88 -15.82 -14.47
N ILE A 173 3.11 -15.33 -14.59
CA ILE A 173 3.62 -14.95 -15.89
C ILE A 173 3.93 -16.22 -16.68
N ALA A 174 4.61 -17.21 -16.10
CA ALA A 174 4.75 -18.55 -16.72
C ALA A 174 3.37 -18.95 -17.25
N PRO A 180 9.18 -16.53 -24.14
CA PRO A 180 10.32 -16.34 -23.26
C PRO A 180 11.06 -15.05 -23.60
N THR A 181 10.40 -14.28 -24.45
CA THR A 181 10.78 -12.94 -24.90
C THR A 181 9.75 -11.94 -24.37
N SER A 182 8.47 -12.35 -24.32
CA SER A 182 7.45 -11.62 -23.56
C SER A 182 7.51 -12.09 -22.10
N CYS A 183 7.47 -13.41 -21.89
CA CYS A 183 7.55 -13.98 -20.52
C CYS A 183 8.82 -13.53 -19.80
N SER A 184 9.62 -12.71 -20.46
CA SER A 184 10.80 -12.09 -19.88
C SER A 184 10.68 -10.57 -19.89
N ARG A 185 10.19 -10.00 -20.98
CA ARG A 185 10.07 -8.54 -21.09
C ARG A 185 8.90 -8.07 -20.22
N ARG A 186 7.94 -8.97 -20.05
CA ARG A 186 6.84 -8.79 -19.10
C ARG A 186 7.38 -8.72 -17.66
N PHE A 187 8.21 -9.69 -17.30
CA PHE A 187 8.79 -9.70 -15.98
C PHE A 187 9.52 -8.38 -15.73
N TYR A 188 10.28 -7.91 -16.72
CA TYR A 188 10.91 -6.60 -16.62
C TYR A 188 9.89 -5.51 -16.31
N GLN A 189 8.71 -5.60 -16.91
CA GLN A 189 7.78 -4.48 -16.88
C GLN A 189 7.07 -4.34 -15.55
N LEU A 190 6.57 -5.47 -15.06
CA LEU A 190 5.93 -5.55 -13.76
C LEU A 190 6.87 -5.27 -12.59
N THR A 191 8.12 -5.76 -12.68
CA THR A 191 9.14 -5.42 -11.69
C THR A 191 9.36 -3.93 -11.76
N LYS A 192 9.39 -3.41 -12.97
CA LYS A 192 9.48 -1.96 -13.11
C LYS A 192 8.32 -1.22 -12.41
N LEU A 193 7.11 -1.68 -12.66
CA LEU A 193 5.88 -1.07 -12.11
C LEU A 193 5.87 -1.14 -10.58
N LEU A 194 6.27 -2.28 -10.04
CA LEU A 194 6.42 -2.44 -8.57
C LEU A 194 7.42 -1.50 -7.92
N ASP A 195 8.59 -1.39 -8.53
CA ASP A 195 9.56 -0.37 -8.12
C ASP A 195 8.93 1.00 -8.01
N SER A 196 8.10 1.35 -8.99
CA SER A 196 7.53 2.71 -9.08
C SER A 196 6.64 3.08 -7.91
N VAL A 197 6.09 2.08 -7.25
CA VAL A 197 5.29 2.31 -6.07
C VAL A 197 6.09 2.94 -4.96
N GLN A 198 7.34 2.53 -4.83
CA GLN A 198 8.13 3.00 -3.69
C GLN A 198 8.34 4.52 -3.60
N PRO A 199 8.70 5.16 -4.69
CA PRO A 199 8.94 6.58 -4.43
C PRO A 199 7.66 7.32 -4.20
N ILE A 200 6.55 6.78 -4.68
CA ILE A 200 5.24 7.37 -4.39
C ILE A 200 4.89 7.18 -2.91
N ALA A 201 5.16 5.98 -2.38
CA ALA A 201 4.85 5.75 -0.98
C ALA A 201 5.77 6.67 -0.17
N ARG A 202 7.02 6.83 -0.65
CA ARG A 202 7.99 7.65 0.07
C ARG A 202 7.44 9.06 0.26
N GLU A 203 6.86 9.60 -0.80
CA GLU A 203 6.29 10.96 -0.78
C GLU A 203 5.08 11.10 0.15
N LEU A 204 4.30 10.02 0.27
CA LEU A 204 3.15 10.01 1.11
C LEU A 204 3.57 9.87 2.58
N HIS A 205 4.65 9.14 2.83
CA HIS A 205 5.16 9.03 4.18
C HIS A 205 5.60 10.40 4.67
N GLN A 206 6.36 11.07 3.83
CA GLN A 206 6.81 12.41 4.14
C GLN A 206 5.62 13.32 4.39
N PHE A 207 4.66 13.29 3.48
CA PHE A 207 3.46 14.15 3.59
C PHE A 207 2.67 13.87 4.89
N THR A 208 2.38 12.59 5.16
CA THR A 208 1.52 12.24 6.29
C THR A 208 2.22 12.53 7.62
N PHE A 209 3.52 12.29 7.64
CA PHE A 209 4.31 12.54 8.82
C PHE A 209 4.33 14.05 9.06
N ASP A 210 4.71 14.81 8.04
CA ASP A 210 4.58 16.27 8.13
C ASP A 210 3.21 16.68 8.64
N LEU A 211 2.17 16.02 8.19
CA LEU A 211 0.81 16.40 8.51
C LEU A 211 0.46 16.14 9.97
N LEU A 212 0.88 14.98 10.45
CA LEU A 212 0.64 14.57 11.82
C LEU A 212 1.30 15.52 12.82
N ILE A 213 2.52 15.93 12.48
CA ILE A 213 3.26 16.94 13.24
C ILE A 213 2.46 18.24 13.35
N LYS A 214 1.93 18.75 12.26
CA LYS A 214 1.15 20.01 12.31
C LYS A 214 -0.37 19.83 12.43
N SER A 215 -0.83 18.71 12.96
CA SER A 215 -2.26 18.32 12.85
C SER A 215 -3.20 19.07 13.79
N HIS A 216 -2.68 19.58 14.91
CA HIS A 216 -3.45 20.53 15.73
C HIS A 216 -3.66 21.88 15.04
N MET A 217 -2.65 22.34 14.29
CA MET A 217 -2.75 23.60 13.55
C MET A 217 -3.79 23.60 12.41
N VAL A 218 -4.05 22.45 11.80
CA VAL A 218 -4.94 22.38 10.63
C VAL A 218 -6.26 21.64 10.86
N SER A 219 -6.53 21.18 12.09
CA SER A 219 -7.77 20.45 12.39
C SER A 219 -7.94 19.16 11.57
N VAL A 220 -6.87 18.36 11.49
CA VAL A 220 -6.88 17.04 10.85
C VAL A 220 -6.77 15.98 11.94
N ASP A 221 -7.75 15.07 11.98
CA ASP A 221 -7.81 14.02 12.99
C ASP A 221 -7.11 12.78 12.48
N PHE A 222 -6.23 12.21 13.30
CA PHE A 222 -5.57 10.96 13.01
C PHE A 222 -6.10 9.94 14.01
N PRO A 223 -6.63 8.81 13.51
CA PRO A 223 -7.05 7.73 14.39
C PRO A 223 -5.89 7.13 15.17
N GLU A 224 -6.19 6.38 16.21
CA GLU A 224 -5.14 6.02 17.16
C GLU A 224 -3.95 5.28 16.53
N MET A 225 -4.22 4.19 15.83
CA MET A 225 -3.12 3.38 15.35
C MET A 225 -2.38 4.04 14.19
N MET A 226 -3.09 4.85 13.42
CA MET A 226 -2.44 5.62 12.38
C MET A 226 -1.39 6.57 12.97
N ALA A 227 -1.75 7.29 14.02
CA ALA A 227 -0.81 8.20 14.70
C ALA A 227 0.40 7.47 15.30
N GLU A 228 0.20 6.25 15.75
CA GLU A 228 1.29 5.50 16.36
C GLU A 228 2.24 5.10 15.25
N ILE A 229 1.70 4.50 14.21
CA ILE A 229 2.50 4.04 13.12
C ILE A 229 3.23 5.21 12.42
N ILE A 230 2.55 6.34 12.23
CA ILE A 230 3.16 7.49 11.56
C ILE A 230 4.31 8.08 12.39
N SER A 231 4.22 7.96 13.69
CA SER A 231 5.17 8.59 14.61
C SER A 231 6.32 7.69 15.01
N VAL A 232 6.11 6.37 15.01
CA VAL A 232 7.15 5.45 15.44
C VAL A 232 7.80 4.73 14.25
N GLN A 233 6.99 4.32 13.29
CA GLN A 233 7.48 3.45 12.26
C GLN A 233 7.93 4.24 11.05
N VAL A 234 7.05 5.11 10.54
CA VAL A 234 7.31 5.92 9.33
C VAL A 234 8.62 6.69 9.43
N PRO A 235 8.94 7.22 10.63
CA PRO A 235 10.20 7.91 10.76
C PRO A 235 11.40 7.00 10.55
N LYS A 236 11.26 5.70 10.76
CA LYS A 236 12.39 4.83 10.51
C LYS A 236 12.66 4.76 9.01
N ILE A 237 11.61 4.88 8.20
CA ILE A 237 11.76 4.87 6.76
C ILE A 237 12.34 6.20 6.31
N LEU A 238 11.78 7.27 6.86
CA LEU A 238 12.20 8.61 6.47
C LEU A 238 13.65 8.86 6.86
N SER A 239 14.11 8.25 7.95
CA SER A 239 15.48 8.46 8.43
C SER A 239 16.46 7.45 7.79
N GLY A 240 15.97 6.54 6.95
CA GLY A 240 16.83 5.58 6.22
C GLY A 240 17.18 4.29 6.97
N LYS A 241 16.65 4.13 8.20
CA LYS A 241 16.83 2.91 8.96
C LYS A 241 16.10 1.71 8.33
N VAL A 242 15.00 2.01 7.66
CA VAL A 242 14.20 1.04 6.97
C VAL A 242 14.11 1.47 5.49
N LYS A 243 14.32 0.53 4.56
CA LYS A 243 14.37 0.86 3.12
C LYS A 243 13.59 -0.11 2.24
N PRO A 244 13.03 0.40 1.14
CA PRO A 244 12.48 -0.45 0.10
C PRO A 244 13.52 -1.37 -0.46
N ILE A 245 13.08 -2.52 -0.97
CA ILE A 245 13.91 -3.41 -1.73
C ILE A 245 13.50 -3.21 -3.19
N TYR A 246 14.40 -2.79 -4.04
CA TYR A 246 14.03 -2.58 -5.44
C TYR A 246 14.51 -3.76 -6.27
N PHE A 247 13.76 -4.11 -7.28
CA PHE A 247 14.28 -5.05 -8.28
C PHE A 247 15.48 -4.48 -9.03
N HIS A 248 15.33 -3.24 -9.50
CA HIS A 248 16.30 -2.55 -10.34
C HIS A 248 16.90 -1.42 -9.53
N THR A 249 18.19 -1.16 -9.73
CA THR A 249 18.85 0.07 -9.22
C THR A 249 18.99 1.13 -10.32
N SER B 3 2.54 -1.33 22.61
CA SER B 3 1.95 -0.42 21.59
C SER B 3 0.51 -0.88 21.29
N SER B 4 -0.33 0.04 20.81
CA SER B 4 -1.72 -0.28 20.49
C SER B 4 -1.80 -1.27 19.32
N PHE B 5 -0.87 -1.15 18.39
CA PHE B 5 -0.78 -2.12 17.30
C PHE B 5 -0.31 -3.48 17.80
N ARG B 6 0.71 -3.50 18.67
CA ARG B 6 1.24 -4.76 19.25
C ARG B 6 0.13 -5.53 19.93
N ASP B 7 -0.78 -4.81 20.61
CA ASP B 7 -1.86 -5.44 21.36
C ASP B 7 -3.07 -5.82 20.51
N TRP B 8 -3.44 -5.02 19.50
CA TRP B 8 -4.52 -5.42 18.57
C TRP B 8 -4.09 -6.67 17.81
N TYR B 9 -2.90 -6.62 17.22
CA TYR B 9 -2.38 -7.73 16.38
C TYR B 9 -2.29 -9.03 17.18
N THR B 10 -1.82 -8.97 18.43
CA THR B 10 -1.97 -10.11 19.34
C THR B 10 -3.32 -10.02 20.02
C1 DHT C . -5.77 5.47 2.55
C2 DHT C . -6.18 4.18 1.82
C3 DHT C . -6.05 4.29 0.31
O3 DHT C . -6.90 3.79 -0.45
C4 DHT C . -4.85 5.02 -0.24
C5 DHT C . -4.51 6.27 0.57
C6 DHT C . -3.25 6.91 0.02
C7 DHT C . -3.09 8.28 0.67
C8 DHT C . -2.95 8.15 2.18
C9 DHT C . -4.19 7.42 2.74
C10 DHT C . -4.43 6.06 2.09
C11 DHT C . -4.19 7.34 4.28
C12 DHT C . -4.14 8.75 4.88
C13 DHT C . -2.89 9.48 4.40
C14 DHT C . -2.88 9.52 2.86
C15 DHT C . -1.72 10.48 2.54
C16 DHT C . -1.82 11.49 3.70
C17 DHT C . -2.85 10.95 4.71
O17 DHT C . -2.43 11.19 6.06
C18 DHT C . -1.65 8.80 5.01
C19 DHT C . -3.32 5.09 2.50
#